data_6YYA
#
_entry.id   6YYA
#
_cell.length_a   47.801
_cell.length_b   64.956
_cell.length_c   48.277
_cell.angle_alpha   90.000
_cell.angle_beta   110.810
_cell.angle_gamma   90.000
#
_symmetry.space_group_name_H-M   'P 1 21 1'
#
loop_
_entity.id
_entity.type
_entity.pdbx_description
1 polymer 'Phosphoribosylaminoimidazole-succinocarboxamide synthase'
2 non-polymer 4-azanyl-6-[1-[(3-fluorophenyl)methyl]pyrazol-4-yl]pyrimidine-5-carbonitrile
3 non-polymer 'SULFATE ION'
4 non-polymer 1,2-ETHANEDIOL
5 water water
#
_entity_poly.entity_id   1
_entity_poly.type   'polypeptide(L)'
_entity_poly.pdbx_seq_one_letter_code
;MSHHHHHHSMRPSLSDYQHVASGKVRELYRVDDEHLLFVATDRISAFDFVLDTPIPDKGRILTAMSVFFFGLLTVPNHLA
GPPDDPRIPEEVLGRALLVRRLDMLPVECVARGYLTGSGLLDYQRTGAVCGHVLPQGLGEASRLDPPLFTPATKADIGEH
DMNVDFAAVVGLVGAVRANQLRDETIKIYTRAAAHALHKGIILADTKFEFGVDIEGNLVLADEVFTPDSSRYWDAAHYQP
GVVQDSFDKQFVRNWLTGPESGWDRASDTPPPPLPDEVAVATRERYIEAYERISGLSFSDWIGPSA
;
_entity_poly.pdbx_strand_id   A
#
# COMPACT_ATOMS: atom_id res chain seq x y z
N MET A 10 -7.82 -19.42 -23.81
CA MET A 10 -8.67 -18.34 -24.31
C MET A 10 -9.22 -17.51 -23.15
N ARG A 11 -8.42 -16.57 -22.68
CA ARG A 11 -8.85 -15.66 -21.62
C ARG A 11 -9.71 -14.55 -22.19
N PRO A 12 -10.61 -13.98 -21.38
CA PRO A 12 -11.43 -12.86 -21.84
C PRO A 12 -10.58 -11.63 -22.10
N SER A 13 -11.12 -10.69 -22.85
CA SER A 13 -10.47 -9.40 -22.99
C SER A 13 -10.89 -8.51 -21.85
N LEU A 14 -9.98 -7.63 -21.42
CA LEU A 14 -10.30 -6.63 -20.44
C LEU A 14 -11.53 -5.81 -20.83
N SER A 15 -11.69 -5.58 -22.15
CA SER A 15 -12.83 -4.83 -22.68
C SER A 15 -14.17 -5.52 -22.47
N ASP A 16 -14.14 -6.79 -22.05
CA ASP A 16 -15.36 -7.52 -21.72
C ASP A 16 -15.92 -7.12 -20.34
N TYR A 17 -15.11 -6.42 -19.56
CA TYR A 17 -15.47 -6.08 -18.18
C TYR A 17 -15.72 -4.59 -18.03
N GLN A 18 -16.56 -4.19 -17.09
CA GLN A 18 -16.87 -2.77 -16.89
C GLN A 18 -15.96 -2.06 -15.89
N HIS A 19 -15.26 -1.03 -16.35
CA HIS A 19 -14.43 -0.21 -15.48
CA HIS A 19 -14.44 -0.18 -15.51
C HIS A 19 -15.30 0.49 -14.45
N VAL A 20 -14.94 0.30 -13.17
CA VAL A 20 -15.74 0.91 -12.11
C VAL A 20 -14.96 1.87 -11.22
N ALA A 21 -13.63 1.77 -11.22
CA ALA A 21 -12.82 2.70 -10.43
C ALA A 21 -11.39 2.79 -10.93
N SER A 22 -10.80 3.97 -10.78
CA SER A 22 -9.40 4.21 -11.07
C SER A 22 -8.73 4.95 -9.91
N GLY A 23 -7.55 4.48 -9.53
CA GLY A 23 -6.71 5.17 -8.58
C GLY A 23 -5.45 5.62 -9.30
N LYS A 24 -4.50 6.15 -8.54
CA LYS A 24 -3.26 6.66 -9.12
C LYS A 24 -2.51 5.61 -9.93
N VAL A 25 -2.43 4.39 -9.40
CA VAL A 25 -1.62 3.34 -10.00
C VAL A 25 -2.33 2.00 -10.00
N ARG A 26 -3.65 2.01 -9.84
CA ARG A 26 -4.44 0.78 -9.89
C ARG A 26 -5.82 1.02 -10.51
N GLU A 27 -6.48 -0.05 -10.93
CA GLU A 27 -7.77 0.04 -11.60
C GLU A 27 -8.67 -1.08 -11.11
N LEU A 28 -9.98 -0.87 -11.19
CA LEU A 28 -10.95 -1.86 -10.71
C LEU A 28 -12.01 -2.10 -11.76
N TYR A 29 -12.30 -3.38 -12.04
CA TYR A 29 -13.28 -3.75 -13.04
C TYR A 29 -14.34 -4.68 -12.49
N ARG A 30 -15.58 -4.57 -12.97
CA ARG A 30 -16.63 -5.52 -12.63
C ARG A 30 -16.57 -6.75 -13.53
N VAL A 31 -16.53 -7.93 -12.90
CA VAL A 31 -16.49 -9.18 -13.65
C VAL A 31 -17.90 -9.78 -13.75
N ASP A 32 -18.58 -9.85 -12.61
CA ASP A 32 -20.01 -10.17 -12.58
C ASP A 32 -20.61 -9.54 -11.33
N ASP A 33 -21.82 -9.95 -10.95
CA ASP A 33 -22.50 -9.31 -9.83
C ASP A 33 -21.77 -9.48 -8.49
N GLU A 34 -20.95 -10.51 -8.38
CA GLU A 34 -20.28 -10.81 -7.10
C GLU A 34 -18.75 -10.75 -7.15
N HIS A 35 -18.17 -10.42 -8.30
CA HIS A 35 -16.71 -10.41 -8.43
C HIS A 35 -16.18 -9.20 -9.18
N LEU A 36 -14.98 -8.80 -8.80
CA LEU A 36 -14.25 -7.73 -9.44
C LEU A 36 -12.90 -8.22 -9.86
N LEU A 37 -12.27 -7.42 -10.72
CA LEU A 37 -10.90 -7.63 -11.15
C LEU A 37 -10.06 -6.46 -10.67
N PHE A 38 -9.10 -6.75 -9.79
CA PHE A 38 -8.25 -5.76 -9.15
C PHE A 38 -6.95 -5.68 -9.94
N VAL A 39 -6.68 -4.54 -10.58
CA VAL A 39 -5.54 -4.45 -11.49
C VAL A 39 -4.47 -3.47 -11.01
N ALA A 40 -3.24 -3.96 -10.87
CA ALA A 40 -2.08 -3.10 -10.55
C ALA A 40 -1.46 -2.65 -11.86
N THR A 41 -1.07 -1.39 -11.94
CA THR A 41 -0.43 -0.88 -13.15
C THR A 41 1.06 -0.71 -12.90
N ASP A 42 1.79 -0.33 -13.96
CA ASP A 42 3.22 -0.10 -13.85
C ASP A 42 3.52 1.36 -13.50
N ARG A 43 2.49 2.15 -13.27
CA ARG A 43 2.68 3.54 -12.94
C ARG A 43 3.27 3.68 -11.54
N ILE A 44 4.06 4.72 -11.33
CA ILE A 44 4.65 5.00 -10.03
C ILE A 44 4.38 6.45 -9.64
N SER A 45 4.14 6.69 -8.36
CA SER A 45 3.89 8.02 -7.85
C SER A 45 5.07 8.50 -7.03
N ALA A 46 5.40 9.78 -7.18
CA ALA A 46 6.42 10.41 -6.35
C ALA A 46 6.02 11.86 -6.11
N PHE A 47 6.17 12.30 -4.86
CA PHE A 47 5.77 13.66 -4.46
C PHE A 47 4.35 13.99 -4.89
N ASP A 48 3.45 13.02 -4.74
CA ASP A 48 2.03 13.17 -5.09
C ASP A 48 1.81 13.41 -6.58
N PHE A 49 2.76 13.00 -7.41
CA PHE A 49 2.59 13.03 -8.85
C PHE A 49 2.67 11.62 -9.41
N VAL A 50 1.72 11.24 -10.25
CA VAL A 50 1.90 10.04 -11.06
C VAL A 50 2.88 10.40 -12.17
N LEU A 51 4.03 9.72 -12.20
CA LEU A 51 5.08 10.11 -13.14
C LEU A 51 4.80 9.63 -14.56
N ASP A 52 5.45 10.29 -15.52
CA ASP A 52 5.24 9.99 -16.93
C ASP A 52 5.82 8.64 -17.35
N THR A 53 6.79 8.18 -16.59
CA THR A 53 7.54 6.98 -16.93
C THR A 53 7.06 5.80 -16.10
N PRO A 54 6.59 4.72 -16.75
CA PRO A 54 6.25 3.53 -15.97
C PRO A 54 7.48 2.75 -15.53
N ILE A 55 7.33 1.93 -14.50
CA ILE A 55 8.38 1.03 -14.05
C ILE A 55 8.08 -0.38 -14.56
N PRO A 56 8.95 -0.94 -15.40
CA PRO A 56 8.59 -2.24 -15.99
C PRO A 56 8.41 -3.31 -14.91
N ASP A 57 7.37 -4.11 -15.06
CA ASP A 57 7.00 -5.21 -14.16
C ASP A 57 6.50 -4.77 -12.78
N LYS A 58 6.35 -3.48 -12.54
CA LYS A 58 5.99 -3.03 -11.19
C LYS A 58 4.64 -3.60 -10.78
N GLY A 59 3.66 -3.57 -11.68
CA GLY A 59 2.36 -4.12 -11.34
C GLY A 59 2.42 -5.60 -10.97
N ARG A 60 3.20 -6.38 -11.70
CA ARG A 60 3.35 -7.80 -11.41
C ARG A 60 4.09 -8.04 -10.10
N ILE A 61 5.14 -7.27 -9.84
CA ILE A 61 5.91 -7.46 -8.62
C ILE A 61 5.02 -7.13 -7.40
N LEU A 62 4.29 -6.03 -7.46
CA LEU A 62 3.47 -5.66 -6.33
C LEU A 62 2.32 -6.63 -6.12
N THR A 63 1.79 -7.20 -7.19
CA THR A 63 0.71 -8.17 -7.06
C THR A 63 1.27 -9.42 -6.39
N ALA A 64 2.44 -9.85 -6.83
CA ALA A 64 3.13 -10.99 -6.21
C ALA A 64 3.36 -10.76 -4.73
N MET A 65 3.77 -9.55 -4.37
CA MET A 65 4.02 -9.21 -2.97
CA MET A 65 4.02 -9.24 -2.97
C MET A 65 2.74 -9.32 -2.15
N SER A 66 1.67 -8.78 -2.68
CA SER A 66 0.39 -8.78 -2.00
C SER A 66 -0.12 -10.20 -1.79
N VAL A 67 0.00 -11.04 -2.81
CA VAL A 67 -0.42 -12.43 -2.73
C VAL A 67 0.39 -13.16 -1.67
N PHE A 68 1.69 -12.90 -1.60
CA PHE A 68 2.50 -13.51 -0.57
C PHE A 68 2.01 -13.12 0.82
N PHE A 69 1.77 -11.83 1.05
CA PHE A 69 1.35 -11.39 2.37
C PHE A 69 -0.06 -11.87 2.75
N PHE A 70 -0.99 -11.94 1.79
CA PHE A 70 -2.31 -12.52 2.07
C PHE A 70 -2.15 -13.95 2.61
N GLY A 71 -1.24 -14.70 2.00
CA GLY A 71 -1.01 -16.09 2.40
C GLY A 71 -0.38 -16.20 3.77
N LEU A 72 0.39 -15.19 4.15
CA LEU A 72 1.05 -15.16 5.44
C LEU A 72 0.07 -14.85 6.59
N LEU A 73 -0.97 -14.08 6.28
CA LEU A 73 -1.91 -13.62 7.29
C LEU A 73 -3.10 -14.58 7.40
N THR A 74 -3.63 -14.77 8.60
CA THR A 74 -4.73 -15.71 8.78
C THR A 74 -6.12 -15.08 8.65
N VAL A 75 -6.17 -13.77 8.44
CA VAL A 75 -7.44 -13.08 8.35
C VAL A 75 -8.14 -13.34 7.01
N PRO A 76 -9.48 -13.34 7.05
CA PRO A 76 -10.22 -13.47 5.79
C PRO A 76 -9.87 -12.34 4.84
N ASN A 77 -9.75 -12.68 3.56
CA ASN A 77 -9.44 -11.68 2.55
C ASN A 77 -10.32 -11.88 1.32
N HIS A 78 -10.31 -10.89 0.45
CA HIS A 78 -11.24 -10.81 -0.71
C HIS A 78 -10.79 -11.63 -1.93
N LEU A 79 -9.66 -12.29 -1.87
CA LEU A 79 -9.22 -13.04 -3.05
C LEU A 79 -10.24 -14.12 -3.38
N ALA A 80 -10.57 -14.25 -4.67
CA ALA A 80 -11.60 -15.19 -5.08
C ALA A 80 -11.14 -16.21 -6.11
N GLY A 81 -9.85 -16.23 -6.42
CA GLY A 81 -9.29 -17.21 -7.34
C GLY A 81 -7.79 -17.13 -7.37
N PRO A 82 -7.15 -18.09 -8.04
CA PRO A 82 -5.69 -18.14 -8.15
C PRO A 82 -5.16 -17.07 -9.10
N PRO A 83 -3.86 -16.78 -9.03
CA PRO A 83 -3.26 -15.76 -9.91
C PRO A 83 -3.38 -16.09 -11.40
N ASP A 84 -3.68 -17.34 -11.74
CA ASP A 84 -3.85 -17.69 -13.15
C ASP A 84 -5.31 -18.00 -13.49
N ASP A 85 -6.23 -17.61 -12.61
CA ASP A 85 -7.66 -17.80 -12.85
C ASP A 85 -8.08 -17.44 -14.28
N PRO A 86 -8.88 -18.30 -14.94
CA PRO A 86 -9.18 -18.07 -16.36
C PRO A 86 -9.96 -16.79 -16.62
N ARG A 87 -10.54 -16.18 -15.59
CA ARG A 87 -11.27 -14.92 -15.76
C ARG A 87 -10.32 -13.73 -15.91
N ILE A 88 -9.03 -13.93 -15.70
CA ILE A 88 -8.05 -12.86 -15.83
C ILE A 88 -7.55 -12.72 -17.27
N PRO A 89 -7.74 -11.54 -17.88
CA PRO A 89 -7.25 -11.31 -19.24
C PRO A 89 -5.74 -11.45 -19.37
N GLU A 90 -5.28 -11.90 -20.54
CA GLU A 90 -3.86 -12.09 -20.78
C GLU A 90 -3.08 -10.80 -20.58
N GLU A 91 -3.67 -9.68 -21.01
CA GLU A 91 -3.02 -8.38 -20.96
C GLU A 91 -2.59 -7.97 -19.54
N VAL A 92 -3.32 -8.45 -18.54
CA VAL A 92 -3.03 -8.10 -17.15
C VAL A 92 -2.58 -9.29 -16.29
N LEU A 93 -2.25 -10.39 -16.95
CA LEU A 93 -1.86 -11.61 -16.25
C LEU A 93 -0.65 -11.34 -15.37
N GLY A 94 -0.76 -11.71 -14.09
CA GLY A 94 0.30 -11.47 -13.14
C GLY A 94 0.19 -10.16 -12.38
N ARG A 95 -0.64 -9.24 -12.86
CA ARG A 95 -0.84 -7.98 -12.15
C ARG A 95 -2.31 -7.71 -11.91
N ALA A 96 -3.13 -8.77 -11.92
CA ALA A 96 -4.56 -8.63 -11.68
C ALA A 96 -5.05 -9.83 -10.92
N LEU A 97 -5.99 -9.60 -10.01
CA LEU A 97 -6.57 -10.68 -9.20
C LEU A 97 -8.09 -10.60 -9.25
N LEU A 98 -8.71 -11.78 -9.27
CA LEU A 98 -10.14 -11.91 -9.15
C LEU A 98 -10.50 -11.82 -7.66
N VAL A 99 -11.42 -10.93 -7.33
CA VAL A 99 -11.78 -10.72 -5.94
C VAL A 99 -13.29 -10.70 -5.73
N ARG A 100 -13.72 -10.99 -4.50
CA ARG A 100 -15.13 -10.98 -4.17
C ARG A 100 -15.59 -9.57 -3.89
N ARG A 101 -16.77 -9.20 -4.37
CA ARG A 101 -17.35 -7.89 -4.08
C ARG A 101 -17.80 -7.82 -2.62
N LEU A 102 -17.38 -6.75 -1.94
CA LEU A 102 -17.76 -6.52 -0.55
C LEU A 102 -18.43 -5.16 -0.37
N ASP A 103 -19.11 -4.98 0.76
CA ASP A 103 -19.54 -3.65 1.16
C ASP A 103 -18.36 -2.99 1.89
N MET A 104 -17.70 -2.05 1.23
CA MET A 104 -16.48 -1.46 1.77
C MET A 104 -16.76 -0.51 2.94
N LEU A 105 -15.93 -0.60 3.97
CA LEU A 105 -16.00 0.35 5.07
C LEU A 105 -15.18 1.60 4.76
N PRO A 106 -15.77 2.79 4.98
CA PRO A 106 -15.18 4.08 4.58
C PRO A 106 -14.10 4.56 5.54
N VAL A 107 -13.13 3.71 5.82
CA VAL A 107 -12.03 4.04 6.73
C VAL A 107 -10.73 3.57 6.11
N GLU A 108 -9.75 4.47 6.01
CA GLU A 108 -8.39 4.06 5.67
C GLU A 108 -7.73 3.63 6.96
N CYS A 109 -7.52 2.33 7.10
CA CYS A 109 -6.96 1.79 8.32
C CYS A 109 -5.45 1.78 8.25
N VAL A 110 -4.83 2.58 9.09
CA VAL A 110 -3.39 2.75 9.05
C VAL A 110 -2.79 2.32 10.36
N ALA A 111 -1.70 1.56 10.27
CA ALA A 111 -0.89 1.24 11.43
C ALA A 111 0.46 1.92 11.26
N ARG A 112 0.98 2.51 12.34
CA ARG A 112 2.33 3.08 12.29
C ARG A 112 3.20 2.45 13.34
N GLY A 113 4.28 1.80 12.93
CA GLY A 113 5.26 1.29 13.88
C GLY A 113 6.36 2.28 14.17
N TYR A 114 6.44 3.32 13.34
CA TYR A 114 7.48 4.34 13.40
C TYR A 114 6.86 5.67 13.07
N LEU A 115 7.43 6.74 13.59
CA LEU A 115 6.84 8.06 13.48
C LEU A 115 7.41 8.83 12.31
N THR A 116 6.62 9.01 11.26
CA THR A 116 7.08 9.75 10.09
C THR A 116 5.87 10.34 9.39
N GLY A 117 6.10 11.12 8.34
CA GLY A 117 5.02 11.65 7.54
C GLY A 117 4.01 12.46 8.33
N SER A 118 2.72 12.25 8.03
CA SER A 118 1.70 13.05 8.68
C SER A 118 1.57 12.70 10.16
N GLY A 119 1.93 11.48 10.56
CA GLY A 119 1.95 11.11 11.98
C GLY A 119 2.95 11.97 12.72
N LEU A 120 4.18 12.06 12.18
CA LEU A 120 5.20 12.89 12.80
C LEU A 120 4.74 14.36 12.85
N LEU A 121 4.17 14.84 11.75
CA LEU A 121 3.74 16.24 11.69
C LEU A 121 2.65 16.53 12.74
N ASP A 122 1.68 15.63 12.87
CA ASP A 122 0.63 15.83 13.86
C ASP A 122 1.24 15.85 15.26
N TYR A 123 2.20 14.96 15.52
CA TYR A 123 2.88 14.93 16.81
C TYR A 123 3.65 16.22 17.07
N GLN A 124 4.37 16.70 16.06
CA GLN A 124 5.14 17.92 16.23
C GLN A 124 4.26 19.14 16.46
N ARG A 125 3.05 19.13 15.91
CA ARG A 125 2.12 20.23 16.09
C ARG A 125 1.36 20.17 17.41
N THR A 126 1.04 18.97 17.89
CA THR A 126 0.04 18.81 18.95
C THR A 126 0.44 17.89 20.09
N GLY A 127 1.48 17.07 19.87
CA GLY A 127 1.88 16.08 20.85
C GLY A 127 1.07 14.79 20.77
N ALA A 128 0.13 14.74 19.83
CA ALA A 128 -0.75 13.59 19.67
C ALA A 128 -0.92 13.23 18.20
N VAL A 129 -1.30 11.98 17.95
CA VAL A 129 -1.63 11.50 16.60
C VAL A 129 -2.94 10.70 16.65
N CYS A 130 -3.95 11.15 15.92
CA CYS A 130 -5.26 10.47 15.84
C CYS A 130 -5.81 10.12 17.22
N GLY A 131 -5.62 11.04 18.16
CA GLY A 131 -6.17 10.88 19.50
C GLY A 131 -5.21 10.29 20.51
N HIS A 132 -4.07 9.78 20.03
CA HIS A 132 -3.08 9.18 20.92
C HIS A 132 -2.05 10.19 21.38
N VAL A 133 -2.05 10.50 22.67
CA VAL A 133 -1.06 11.37 23.27
C VAL A 133 0.22 10.58 23.51
N LEU A 134 1.31 10.99 22.87
CA LEU A 134 2.56 10.24 22.87
C LEU A 134 3.58 10.77 23.86
N PRO A 135 4.60 9.98 24.19
CA PRO A 135 5.70 10.49 25.03
C PRO A 135 6.37 11.73 24.42
N GLN A 136 6.93 12.59 25.26
CA GLN A 136 7.76 13.69 24.77
C GLN A 136 9.08 13.15 24.24
N GLY A 137 9.72 13.89 23.34
CA GLY A 137 11.07 13.55 22.92
C GLY A 137 11.21 12.67 21.70
N LEU A 138 10.10 12.39 21.01
CA LEU A 138 10.16 11.58 19.79
C LEU A 138 10.49 12.46 18.60
N GLY A 139 10.91 11.82 17.53
CA GLY A 139 11.20 12.56 16.32
C GLY A 139 11.12 11.70 15.08
N GLU A 140 11.73 12.17 14.00
CA GLU A 140 11.69 11.48 12.73
C GLU A 140 12.19 10.05 12.86
N ALA A 141 11.36 9.12 12.39
CA ALA A 141 11.65 7.69 12.36
C ALA A 141 11.83 7.08 13.74
N SER A 142 11.34 7.74 14.78
CA SER A 142 11.28 7.11 16.10
C SER A 142 10.42 5.85 16.08
N ARG A 143 10.88 4.80 16.73
CA ARG A 143 10.08 3.61 16.94
C ARG A 143 8.90 3.89 17.86
N LEU A 144 7.71 3.42 17.50
CA LEU A 144 6.53 3.44 18.35
C LEU A 144 6.23 2.03 18.85
N ASP A 145 6.07 1.89 20.15
CA ASP A 145 5.66 0.60 20.72
C ASP A 145 4.64 0.86 21.80
N PRO A 146 3.43 0.31 21.65
CA PRO A 146 2.98 -0.54 20.54
C PRO A 146 2.74 0.28 19.27
N PRO A 147 2.53 -0.40 18.13
CA PRO A 147 2.16 0.36 16.94
C PRO A 147 0.86 1.14 17.18
N LEU A 148 0.73 2.28 16.52
CA LEU A 148 -0.47 3.10 16.63
C LEU A 148 -1.46 2.87 15.50
N PHE A 149 -2.73 2.83 15.85
CA PHE A 149 -3.82 2.87 14.88
C PHE A 149 -4.12 4.34 14.58
N THR A 150 -3.84 4.75 13.36
CA THR A 150 -3.97 6.14 12.95
C THR A 150 -4.87 6.25 11.72
N PRO A 151 -6.18 6.09 11.92
CA PRO A 151 -7.12 6.03 10.80
C PRO A 151 -7.22 7.35 10.06
N ALA A 152 -7.62 7.24 8.80
CA ALA A 152 -7.80 8.42 7.96
C ALA A 152 -9.05 8.25 7.10
N THR A 153 -9.51 9.37 6.54
CA THR A 153 -10.62 9.33 5.60
C THR A 153 -10.19 9.97 4.28
N LYS A 154 -10.78 9.50 3.19
CA LYS A 154 -10.48 10.06 1.87
C LYS A 154 -11.06 11.47 1.73
N ALA A 155 -10.33 12.35 1.05
CA ALA A 155 -10.84 13.68 0.77
C ALA A 155 -11.17 13.80 -0.72
N ASP A 156 -11.19 15.03 -1.23
CA ASP A 156 -11.45 15.27 -2.64
C ASP A 156 -10.32 14.70 -3.50
N ILE A 157 -10.59 14.52 -4.79
CA ILE A 157 -9.60 13.96 -5.71
C ILE A 157 -8.33 14.80 -5.73
N GLY A 158 -7.19 14.14 -5.58
CA GLY A 158 -5.90 14.82 -5.61
C GLY A 158 -5.51 15.42 -4.27
N GLU A 159 -6.35 15.24 -3.25
CA GLU A 159 -6.04 15.70 -1.91
C GLU A 159 -5.61 14.53 -1.03
N HIS A 160 -4.79 14.81 -0.02
CA HIS A 160 -4.33 13.78 0.90
C HIS A 160 -5.46 13.33 1.81
N ASP A 161 -5.43 12.06 2.20
CA ASP A 161 -6.36 11.56 3.21
C ASP A 161 -6.27 12.41 4.49
N MET A 162 -7.38 12.55 5.20
CA MET A 162 -7.38 13.34 6.43
C MET A 162 -7.28 12.44 7.66
N ASN A 163 -6.30 12.67 8.53
CA ASN A 163 -6.17 11.91 9.76
C ASN A 163 -7.33 12.20 10.72
N VAL A 164 -7.91 11.13 11.26
CA VAL A 164 -9.03 11.28 12.20
C VAL A 164 -8.80 10.46 13.46
N ASP A 165 -9.52 10.77 14.54
CA ASP A 165 -9.31 9.99 15.76
C ASP A 165 -10.27 8.82 15.85
N PHE A 166 -10.18 8.06 16.92
CA PHE A 166 -10.99 6.86 17.05
C PHE A 166 -12.49 7.19 17.06
N ALA A 167 -12.87 8.30 17.69
CA ALA A 167 -14.28 8.70 17.76
C ALA A 167 -14.86 8.88 16.36
N ALA A 168 -14.07 9.43 15.43
CA ALA A 168 -14.52 9.55 14.07
C ALA A 168 -14.77 8.18 13.45
N VAL A 169 -13.93 7.21 13.76
CA VAL A 169 -14.13 5.86 13.24
C VAL A 169 -15.43 5.28 13.80
N VAL A 170 -15.65 5.45 15.09
CA VAL A 170 -16.90 5.02 15.69
C VAL A 170 -18.10 5.64 14.96
N GLY A 171 -18.04 6.95 14.71
CA GLY A 171 -19.12 7.63 14.01
C GLY A 171 -19.33 7.16 12.59
N LEU A 172 -18.30 6.57 11.98
CA LEU A 172 -18.40 6.09 10.63
C LEU A 172 -18.95 4.66 10.52
N VAL A 173 -18.58 3.79 11.44
CA VAL A 173 -18.87 2.36 11.26
C VAL A 173 -19.50 1.65 12.45
N GLY A 174 -19.64 2.35 13.57
CA GLY A 174 -20.18 1.75 14.77
C GLY A 174 -19.11 1.49 15.81
N ALA A 175 -19.50 1.47 17.08
CA ALA A 175 -18.56 1.30 18.19
C ALA A 175 -17.86 -0.06 18.16
N VAL A 176 -18.61 -1.15 18.04
CA VAL A 176 -18.02 -2.48 18.05
C VAL A 176 -17.16 -2.68 16.80
N ARG A 177 -17.65 -2.26 15.64
CA ARG A 177 -16.86 -2.42 14.43
C ARG A 177 -15.58 -1.60 14.49
N ALA A 178 -15.65 -0.41 15.07
CA ALA A 178 -14.44 0.42 15.21
C ALA A 178 -13.37 -0.29 16.04
N ASN A 179 -13.78 -0.92 17.13
CA ASN A 179 -12.85 -1.67 17.94
C ASN A 179 -12.23 -2.80 17.14
N GLN A 180 -13.04 -3.47 16.34
CA GLN A 180 -12.56 -4.55 15.49
C GLN A 180 -11.54 -4.05 14.47
N LEU A 181 -11.80 -2.93 13.82
CA LEU A 181 -10.87 -2.40 12.83
C LEU A 181 -9.55 -2.10 13.49
N ARG A 182 -9.60 -1.46 14.64
CA ARG A 182 -8.39 -1.12 15.39
CA ARG A 182 -8.39 -1.12 15.39
C ARG A 182 -7.58 -2.35 15.71
N ASP A 183 -8.24 -3.35 16.28
CA ASP A 183 -7.54 -4.53 16.75
C ASP A 183 -6.96 -5.33 15.60
N GLU A 184 -7.74 -5.53 14.54
CA GLU A 184 -7.27 -6.31 13.42
C GLU A 184 -6.14 -5.58 12.69
N THR A 185 -6.26 -4.27 12.54
CA THR A 185 -5.21 -3.50 11.85
C THR A 185 -3.88 -3.65 12.59
N ILE A 186 -3.89 -3.50 13.91
CA ILE A 186 -2.65 -3.63 14.66
C ILE A 186 -2.12 -5.07 14.65
N LYS A 187 -3.00 -6.06 14.75
CA LYS A 187 -2.56 -7.46 14.74
C LYS A 187 -1.90 -7.84 13.41
N ILE A 188 -2.53 -7.43 12.32
CA ILE A 188 -2.04 -7.73 10.97
C ILE A 188 -0.69 -7.04 10.72
N TYR A 189 -0.62 -5.75 11.06
CA TYR A 189 0.61 -5.01 10.89
C TYR A 189 1.73 -5.67 11.70
N THR A 190 1.45 -6.02 12.95
CA THR A 190 2.48 -6.58 13.80
C THR A 190 3.06 -7.85 13.20
N ARG A 191 2.21 -8.72 12.69
CA ARG A 191 2.64 -9.98 12.09
C ARG A 191 3.52 -9.71 10.87
N ALA A 192 3.04 -8.88 9.96
CA ALA A 192 3.76 -8.61 8.72
C ALA A 192 5.10 -7.89 8.98
N ALA A 193 5.09 -6.93 9.89
CA ALA A 193 6.29 -6.16 10.19
C ALA A 193 7.37 -7.03 10.80
N ALA A 194 6.99 -7.96 11.68
CA ALA A 194 7.98 -8.87 12.27
C ALA A 194 8.57 -9.77 11.21
N HIS A 195 7.74 -10.29 10.31
CA HIS A 195 8.24 -11.12 9.21
C HIS A 195 9.23 -10.36 8.35
N ALA A 196 8.87 -9.15 7.96
CA ALA A 196 9.72 -8.35 7.09
C ALA A 196 11.05 -8.03 7.78
N LEU A 197 11.00 -7.71 9.07
CA LEU A 197 12.21 -7.30 9.78
C LEU A 197 13.16 -8.47 9.88
N HIS A 198 12.62 -9.68 10.02
CA HIS A 198 13.44 -10.88 10.06
C HIS A 198 14.21 -11.05 8.74
N LYS A 199 13.64 -10.52 7.67
CA LYS A 199 14.20 -10.58 6.32
C LYS A 199 14.99 -9.32 5.96
N GLY A 200 15.17 -8.42 6.91
CA GLY A 200 15.99 -7.23 6.68
C GLY A 200 15.27 -5.98 6.20
N ILE A 201 13.93 -6.00 6.23
CA ILE A 201 13.16 -4.85 5.80
C ILE A 201 12.27 -4.37 6.91
N ILE A 202 12.30 -3.07 7.18
CA ILE A 202 11.31 -2.49 8.09
C ILE A 202 10.09 -2.03 7.30
N LEU A 203 8.91 -2.51 7.73
CA LEU A 203 7.64 -1.95 7.26
C LEU A 203 7.28 -0.89 8.26
N ALA A 204 7.50 0.38 7.93
CA ALA A 204 7.36 1.43 8.92
C ALA A 204 5.92 1.72 9.30
N ASP A 205 5.02 1.52 8.31
CA ASP A 205 3.60 1.79 8.47
C ASP A 205 2.91 1.08 7.33
N THR A 206 1.58 1.05 7.36
CA THR A 206 0.85 0.42 6.28
C THR A 206 -0.58 0.94 6.28
N LYS A 207 -1.23 0.87 5.12
CA LYS A 207 -2.62 1.30 4.96
C LYS A 207 -3.44 0.19 4.32
N PHE A 208 -4.58 -0.11 4.95
CA PHE A 208 -5.53 -1.18 4.58
C PHE A 208 -6.89 -0.59 4.36
N GLU A 209 -7.69 -1.20 3.48
CA GLU A 209 -9.14 -1.05 3.54
C GLU A 209 -9.79 -2.41 3.79
N PHE A 210 -10.89 -2.39 4.55
CA PHE A 210 -11.68 -3.59 4.82
C PHE A 210 -13.06 -3.45 4.23
N GLY A 211 -13.68 -4.59 3.94
CA GLY A 211 -15.10 -4.63 3.62
C GLY A 211 -15.82 -5.67 4.45
N VAL A 212 -17.12 -5.73 4.28
CA VAL A 212 -17.92 -6.73 4.99
CA VAL A 212 -17.96 -6.68 4.99
C VAL A 212 -18.66 -7.60 3.99
N ASP A 213 -18.70 -8.90 4.26
CA ASP A 213 -19.40 -9.81 3.35
C ASP A 213 -20.87 -9.91 3.73
N ILE A 214 -21.58 -10.80 3.04
CA ILE A 214 -23.02 -10.96 3.23
C ILE A 214 -23.39 -11.36 4.65
N GLU A 215 -22.46 -12.03 5.33
CA GLU A 215 -22.71 -12.57 6.65
C GLU A 215 -22.25 -11.64 7.77
N GLY A 216 -21.77 -10.45 7.42
CA GLY A 216 -21.39 -9.46 8.40
C GLY A 216 -19.92 -9.54 8.79
N ASN A 217 -19.20 -10.47 8.18
CA ASN A 217 -17.80 -10.71 8.50
C ASN A 217 -16.86 -9.66 7.90
N LEU A 218 -15.87 -9.27 8.69
CA LEU A 218 -14.83 -8.35 8.25
C LEU A 218 -13.85 -9.06 7.32
N VAL A 219 -13.58 -8.46 6.16
CA VAL A 219 -12.71 -9.05 5.15
C VAL A 219 -11.66 -8.01 4.69
N LEU A 220 -10.40 -8.41 4.70
CA LEU A 220 -9.32 -7.56 4.21
C LEU A 220 -9.40 -7.45 2.69
N ALA A 221 -9.45 -6.22 2.20
CA ALA A 221 -9.87 -5.97 0.82
C ALA A 221 -9.11 -4.85 0.18
N ASP A 222 -7.84 -5.11 -0.09
CA ASP A 222 -7.01 -4.07 -0.66
C ASP A 222 -5.82 -4.77 -1.27
N GLU A 223 -4.81 -4.00 -1.63
CA GLU A 223 -3.49 -4.59 -1.76
C GLU A 223 -2.93 -4.53 -0.37
N VAL A 224 -2.11 -5.50 -0.01
CA VAL A 224 -1.59 -5.47 1.33
C VAL A 224 -0.07 -5.53 1.36
N PHE A 225 0.49 -4.61 2.14
CA PHE A 225 1.92 -4.53 2.42
C PHE A 225 2.76 -4.45 1.15
N THR A 226 2.27 -3.70 0.18
CA THR A 226 3.11 -3.35 -0.96
C THR A 226 3.91 -2.08 -0.63
N PRO A 227 4.95 -1.78 -1.40
CA PRO A 227 5.64 -0.51 -1.17
C PRO A 227 4.80 0.72 -1.53
N ASP A 228 3.68 0.52 -2.20
CA ASP A 228 2.77 1.64 -2.44
C ASP A 228 1.86 1.89 -1.24
N SER A 229 1.52 0.82 -0.50
CA SER A 229 0.62 0.92 0.63
C SER A 229 1.35 1.04 1.96
N SER A 230 2.67 0.88 1.94
CA SER A 230 3.49 0.79 3.14
C SER A 230 4.85 1.42 2.88
N ARG A 231 5.42 2.07 3.88
CA ARG A 231 6.81 2.53 3.77
C ARG A 231 7.79 1.40 4.03
N TYR A 232 8.52 0.99 2.99
CA TYR A 232 9.61 0.03 3.09
C TYR A 232 10.93 0.74 3.38
N TRP A 233 11.62 0.31 4.43
CA TRP A 233 12.96 0.80 4.76
C TRP A 233 13.94 -0.36 4.82
N ASP A 234 15.19 -0.08 4.47
CA ASP A 234 16.27 -1.03 4.73
C ASP A 234 16.64 -1.07 6.21
N ALA A 235 16.38 -2.19 6.87
CA ALA A 235 16.69 -2.30 8.29
C ALA A 235 18.16 -2.09 8.63
N ALA A 236 19.06 -2.50 7.73
CA ALA A 236 20.49 -2.41 7.98
C ALA A 236 20.95 -0.97 8.05
N HIS A 237 20.14 -0.04 7.54
CA HIS A 237 20.50 1.37 7.60
C HIS A 237 19.55 2.19 8.44
N TYR A 238 18.76 1.52 9.27
CA TYR A 238 17.82 2.25 10.09
C TYR A 238 18.55 3.13 11.12
N GLN A 239 18.27 4.42 11.07
CA GLN A 239 18.92 5.40 11.92
C GLN A 239 17.86 6.37 12.42
N PRO A 240 17.36 6.16 13.64
CA PRO A 240 16.36 7.10 14.15
C PRO A 240 16.90 8.52 14.16
N GLY A 241 16.04 9.48 13.85
CA GLY A 241 16.41 10.89 13.92
C GLY A 241 16.62 11.55 12.58
N VAL A 242 16.76 10.76 11.51
CA VAL A 242 16.83 11.31 10.16
C VAL A 242 15.78 10.64 9.28
N VAL A 243 15.48 11.24 8.14
CA VAL A 243 14.55 10.64 7.17
C VAL A 243 15.18 9.41 6.55
N GLN A 244 14.49 8.28 6.62
CA GLN A 244 14.97 7.05 6.04
C GLN A 244 14.78 7.04 4.54
N ASP A 245 15.73 6.44 3.83
CA ASP A 245 15.57 6.23 2.40
C ASP A 245 14.38 5.33 2.13
N SER A 246 13.70 5.63 1.04
CA SER A 246 12.60 4.77 0.55
C SER A 246 13.29 3.60 -0.11
N PHE A 247 13.03 2.38 0.33
CA PHE A 247 13.72 1.22 -0.22
C PHE A 247 13.56 1.15 -1.73
N ASP A 248 12.36 1.42 -2.23
CA ASP A 248 12.10 1.24 -3.65
C ASP A 248 12.13 2.54 -4.47
N LYS A 249 11.88 3.69 -3.84
CA LYS A 249 11.68 4.92 -4.62
C LYS A 249 12.78 5.98 -4.48
N GLN A 250 13.83 5.69 -3.73
CA GLN A 250 14.78 6.77 -3.44
C GLN A 250 15.55 7.22 -4.68
N PHE A 251 15.86 6.30 -5.58
CA PHE A 251 16.50 6.68 -6.86
C PHE A 251 15.66 7.71 -7.62
N VAL A 252 14.39 7.39 -7.83
CA VAL A 252 13.43 8.30 -8.41
C VAL A 252 13.40 9.66 -7.70
N ARG A 253 13.29 9.64 -6.37
CA ARG A 253 13.22 10.89 -5.62
C ARG A 253 14.49 11.72 -5.74
N ASN A 254 15.63 11.03 -5.71
CA ASN A 254 16.91 11.72 -5.80
C ASN A 254 17.15 12.34 -7.16
N TRP A 255 16.76 11.64 -8.22
CA TRP A 255 16.96 12.16 -9.56
C TRP A 255 16.05 13.36 -9.80
N LEU A 256 14.78 13.24 -9.42
CA LEU A 256 13.83 14.34 -9.63
C LEU A 256 14.27 15.61 -8.92
N THR A 257 14.82 15.46 -7.72
CA THR A 257 15.23 16.61 -6.92
C THR A 257 16.71 16.95 -7.12
N GLY A 258 17.35 16.28 -8.08
CA GLY A 258 18.76 16.50 -8.35
C GLY A 258 18.98 17.52 -9.46
N PRO A 259 20.25 17.72 -9.85
CA PRO A 259 20.61 18.76 -10.82
C PRO A 259 20.35 18.35 -12.28
N GLU A 260 20.07 17.08 -12.54
CA GLU A 260 19.92 16.60 -13.90
C GLU A 260 18.48 16.65 -14.42
N SER A 261 17.52 16.83 -13.51
CA SER A 261 16.11 16.75 -13.89
C SER A 261 15.58 18.05 -14.49
N GLY A 262 16.15 19.18 -14.07
CA GLY A 262 15.67 20.47 -14.51
C GLY A 262 14.35 20.83 -13.86
N TRP A 263 13.98 20.06 -12.83
CA TRP A 263 12.69 20.23 -12.17
C TRP A 263 12.87 20.81 -10.77
N ASP A 264 12.06 21.79 -10.43
CA ASP A 264 12.00 22.31 -9.07
C ASP A 264 10.74 21.80 -8.40
N ARG A 265 10.88 20.96 -7.37
CA ARG A 265 9.74 20.35 -6.65
C ARG A 265 8.77 21.39 -6.09
N ALA A 266 9.28 22.57 -5.72
CA ALA A 266 8.43 23.64 -5.15
C ALA A 266 7.57 24.33 -6.23
N SER A 267 7.84 24.11 -7.51
CA SER A 267 7.09 24.79 -8.60
C SER A 267 7.28 24.03 -9.91
N THR A 269 4.48 22.54 -12.20
CA THR A 269 4.73 21.53 -11.14
C THR A 269 4.84 20.11 -11.70
N PRO A 270 4.10 19.61 -12.72
CA PRO A 270 4.23 18.22 -13.14
C PRO A 270 5.68 17.93 -13.51
N PRO A 271 6.25 16.89 -12.89
CA PRO A 271 7.65 16.50 -13.07
C PRO A 271 7.93 15.89 -14.44
N PRO A 272 9.19 15.93 -14.89
CA PRO A 272 9.60 15.42 -16.20
C PRO A 272 9.71 13.89 -16.19
N PRO A 273 9.79 13.27 -17.36
CA PRO A 273 9.99 11.82 -17.43
C PRO A 273 11.32 11.38 -16.84
N LEU A 274 11.36 10.15 -16.32
CA LEU A 274 12.55 9.58 -15.70
C LEU A 274 13.50 9.02 -16.74
N PRO A 275 14.81 9.07 -16.45
CA PRO A 275 15.75 8.29 -17.26
C PRO A 275 15.39 6.80 -17.28
N ASP A 276 15.56 6.17 -18.42
CA ASP A 276 15.38 4.73 -18.56
C ASP A 276 16.18 3.98 -17.49
N GLU A 277 17.40 4.44 -17.21
CA GLU A 277 18.27 3.80 -16.24
C GLU A 277 17.65 3.84 -14.85
N VAL A 278 17.01 4.94 -14.49
CA VAL A 278 16.37 5.06 -13.18
C VAL A 278 15.18 4.12 -13.07
N ALA A 279 14.41 3.97 -14.15
CA ALA A 279 13.29 3.05 -14.18
C ALA A 279 13.76 1.60 -14.02
N VAL A 280 14.83 1.22 -14.70
CA VAL A 280 15.36 -0.13 -14.61
C VAL A 280 15.91 -0.43 -13.23
N ALA A 281 16.61 0.54 -12.65
CA ALA A 281 17.17 0.40 -11.31
C ALA A 281 16.05 0.24 -10.30
N THR A 282 14.96 0.96 -10.54
CA THR A 282 13.81 0.91 -9.63
C THR A 282 13.12 -0.45 -9.66
N ARG A 283 12.95 -1.01 -10.86
CA ARG A 283 12.46 -2.36 -11.03
C ARG A 283 13.30 -3.35 -10.23
N GLU A 284 14.62 -3.16 -10.26
CA GLU A 284 15.53 -4.02 -9.51
C GLU A 284 15.27 -3.93 -8.01
N ARG A 285 15.02 -2.72 -7.50
CA ARG A 285 14.73 -2.57 -6.08
C ARG A 285 13.44 -3.28 -5.69
N TYR A 286 12.40 -3.20 -6.52
CA TYR A 286 11.15 -3.91 -6.26
C TYR A 286 11.37 -5.42 -6.22
N ILE A 287 12.10 -5.96 -7.19
CA ILE A 287 12.37 -7.38 -7.21
C ILE A 287 13.17 -7.80 -5.98
N GLU A 288 14.15 -6.99 -5.60
CA GLU A 288 14.95 -7.31 -4.43
C GLU A 288 14.08 -7.40 -3.18
N ALA A 289 13.19 -6.43 -3.03
CA ALA A 289 12.30 -6.42 -1.86
C ALA A 289 11.39 -7.63 -1.84
N TYR A 290 10.78 -7.94 -2.98
CA TYR A 290 9.92 -9.11 -3.09
C TYR A 290 10.61 -10.41 -2.77
N GLU A 291 11.79 -10.63 -3.36
CA GLU A 291 12.47 -11.89 -3.16
C GLU A 291 12.98 -12.01 -1.73
N ARG A 292 13.42 -10.91 -1.15
CA ARG A 292 13.88 -10.98 0.25
C ARG A 292 12.72 -11.31 1.19
N ILE A 293 11.57 -10.70 1.00
CA ILE A 293 10.46 -10.91 1.93
C ILE A 293 9.78 -12.26 1.71
N SER A 294 9.61 -12.66 0.46
CA SER A 294 8.84 -13.86 0.16
C SER A 294 9.69 -15.13 0.20
N GLY A 295 10.99 -14.99 -0.06
CA GLY A 295 11.87 -16.12 -0.20
C GLY A 295 11.58 -16.86 -1.50
N LEU A 296 10.84 -16.21 -2.39
CA LEU A 296 10.51 -16.77 -3.69
C LEU A 296 11.27 -16.04 -4.79
N SER A 297 11.28 -16.61 -6.00
CA SER A 297 11.92 -15.96 -7.14
C SER A 297 10.87 -15.30 -8.01
N PHE A 298 11.08 -14.03 -8.34
CA PHE A 298 10.13 -13.35 -9.19
C PHE A 298 10.09 -13.94 -10.60
N SER A 299 11.16 -14.61 -11.00
CA SER A 299 11.19 -15.25 -12.31
C SER A 299 10.14 -16.37 -12.41
N ASP A 300 9.61 -16.81 -11.27
CA ASP A 300 8.57 -17.83 -11.24
C ASP A 300 7.16 -17.26 -11.21
N TRP A 301 7.04 -15.93 -11.13
CA TRP A 301 5.72 -15.31 -11.05
C TRP A 301 5.11 -15.19 -12.45
N ILE A 302 3.84 -15.51 -12.54
CA ILE A 302 3.16 -15.56 -13.84
C ILE A 302 3.15 -14.20 -14.55
N GLY A 303 3.09 -14.25 -15.87
CA GLY A 303 2.98 -13.06 -16.68
C GLY A 303 2.40 -13.42 -18.04
N PRO A 304 2.25 -12.41 -18.91
CA PRO A 304 1.72 -12.63 -20.26
C PRO A 304 2.78 -13.20 -21.20
#